data_8RF2
#
_entry.id   8RF2
#
_cell.length_a   36.360
_cell.length_b   36.360
_cell.length_c   140.220
_cell.angle_alpha   90.00
_cell.angle_beta   90.00
_cell.angle_gamma   90.00
#
_symmetry.space_group_name_H-M   'P 43 21 2'
#
loop_
_entity.id
_entity.type
_entity.pdbx_description
1 polymer 'Host translation inhibitor nsp1'
2 non-polymer 1-benzothiophen-5-amine
3 water water
#
_entity_poly.entity_id   1
_entity_poly.type   'polypeptide(L)'
_entity_poly.pdbx_seq_one_letter_code
;MEKTHVQLSLPVLQVRDVLVRGFGDSVEEVLSEARQHLKDGTCGLVEVEKGVLPQLEQPYVFIKRSDARTAPHGHVMVEL
VAELEGIQYGRSGETLGVLVPHVGEIPVAYRKVLLRKN
;
_entity_poly.pdbx_strand_id   A
#
loop_
_chem_comp.id
_chem_comp.type
_chem_comp.name
_chem_comp.formula
A1H0G non-polymer 1-benzothiophen-5-amine 'C8 H7 N S'
#
# COMPACT_ATOMS: atom_id res chain seq x y z
N MET A 1 -13.68 19.43 -1.45
CA MET A 1 -12.61 19.05 -2.42
C MET A 1 -11.97 17.72 -1.99
N GLU A 2 -10.70 17.74 -1.59
CA GLU A 2 -10.03 16.46 -1.27
C GLU A 2 -9.92 16.29 0.25
N LYS A 3 -10.72 15.39 0.82
CA LYS A 3 -10.59 15.10 2.26
C LYS A 3 -9.16 14.60 2.51
N THR A 4 -8.65 14.77 3.73
CA THR A 4 -7.28 14.34 4.07
C THR A 4 -7.23 12.84 4.13
N HIS A 5 -8.37 12.19 4.40
CA HIS A 5 -8.38 10.72 4.58
C HIS A 5 -9.55 10.13 3.79
N VAL A 6 -9.35 8.90 3.32
CA VAL A 6 -10.35 8.24 2.49
CA VAL A 6 -10.36 8.23 2.50
C VAL A 6 -10.44 6.78 2.92
N GLN A 7 -11.68 6.28 3.08
CA GLN A 7 -11.90 4.89 3.45
C GLN A 7 -11.84 4.07 2.16
N LEU A 8 -10.99 3.04 2.15
CA LEU A 8 -10.87 2.16 0.99
C LEU A 8 -10.82 0.70 1.46
N SER A 9 -11.25 -0.20 0.58
CA SER A 9 -11.07 -1.62 0.78
CA SER A 9 -11.06 -1.63 0.77
C SER A 9 -10.11 -2.11 -0.32
N LEU A 10 -8.93 -2.56 0.09
CA LEU A 10 -7.91 -2.89 -0.91
C LEU A 10 -7.87 -4.38 -1.14
N PRO A 11 -7.82 -4.86 -2.37
CA PRO A 11 -7.62 -6.31 -2.58
C PRO A 11 -6.24 -6.76 -2.11
N VAL A 12 -6.23 -7.83 -1.33
CA VAL A 12 -4.99 -8.43 -0.85
C VAL A 12 -4.57 -9.51 -1.83
N LEU A 13 -3.34 -9.43 -2.34
CA LEU A 13 -2.87 -10.34 -3.37
C LEU A 13 -1.74 -11.21 -2.82
N GLN A 14 -1.71 -12.48 -3.20
CA GLN A 14 -0.52 -13.29 -2.97
C GLN A 14 0.58 -12.88 -3.95
N VAL A 15 1.83 -12.87 -3.45
CA VAL A 15 2.93 -12.31 -4.23
C VAL A 15 3.12 -13.02 -5.56
N ARG A 16 2.96 -14.34 -5.59
CA ARG A 16 3.16 -15.04 -6.86
CA ARG A 16 3.15 -15.05 -6.85
C ARG A 16 2.08 -14.75 -7.89
N ASP A 17 0.95 -14.14 -7.51
CA ASP A 17 -0.07 -13.80 -8.48
C ASP A 17 0.16 -12.42 -9.09
N VAL A 18 1.00 -11.59 -8.47
CA VAL A 18 1.13 -10.20 -8.90
C VAL A 18 1.82 -10.12 -10.25
N LEU A 19 1.18 -9.44 -11.21
CA LEU A 19 1.76 -9.32 -12.54
C LEU A 19 2.67 -8.11 -12.69
N VAL A 20 2.35 -6.99 -12.04
CA VAL A 20 3.14 -5.75 -12.11
C VAL A 20 3.68 -5.53 -10.69
N ARG A 21 4.96 -5.74 -10.50
CA ARG A 21 5.50 -5.96 -9.16
C ARG A 21 6.02 -4.70 -8.48
N GLY A 22 5.76 -3.53 -9.04
CA GLY A 22 6.08 -2.26 -8.42
C GLY A 22 5.47 -1.14 -9.23
N PHE A 23 5.67 0.09 -8.75
CA PHE A 23 5.04 1.25 -9.35
C PHE A 23 5.97 2.11 -10.18
N GLY A 24 7.27 1.87 -10.16
CA GLY A 24 8.15 2.79 -10.85
C GLY A 24 9.55 2.73 -10.30
N ASP A 25 10.33 3.72 -10.70
CA ASP A 25 11.78 3.59 -10.65
C ASP A 25 12.45 4.59 -9.72
N SER A 26 11.71 5.42 -9.02
CA SER A 26 12.25 6.36 -8.05
C SER A 26 11.28 6.45 -6.87
N VAL A 27 11.75 7.04 -5.78
CA VAL A 27 10.88 7.15 -4.60
C VAL A 27 9.70 8.05 -4.93
N GLU A 28 9.96 9.19 -5.55
CA GLU A 28 8.89 10.13 -5.89
CA GLU A 28 8.89 10.12 -5.89
C GLU A 28 7.90 9.49 -6.86
N GLU A 29 8.39 8.72 -7.82
CA GLU A 29 7.49 8.11 -8.78
C GLU A 29 6.61 7.07 -8.13
N VAL A 30 7.17 6.22 -7.25
CA VAL A 30 6.37 5.12 -6.74
C VAL A 30 5.29 5.65 -5.81
N LEU A 31 5.59 6.70 -5.05
CA LEU A 31 4.57 7.31 -4.20
C LEU A 31 3.47 7.94 -5.06
N SER A 32 3.85 8.63 -6.13
CA SER A 32 2.90 9.28 -7.03
C SER A 32 2.00 8.26 -7.73
N GLU A 33 2.59 7.21 -8.28
CA GLU A 33 1.79 6.19 -8.94
C GLU A 33 0.93 5.42 -7.94
N ALA A 34 1.44 5.16 -6.74
CA ALA A 34 0.60 4.51 -5.72
C ALA A 34 -0.65 5.34 -5.46
N ARG A 35 -0.48 6.65 -5.27
CA ARG A 35 -1.63 7.52 -5.00
C ARG A 35 -2.61 7.55 -6.18
N GLN A 36 -2.09 7.58 -7.41
CA GLN A 36 -2.97 7.57 -8.58
C GLN A 36 -3.75 6.26 -8.69
N HIS A 37 -3.09 5.13 -8.47
CA HIS A 37 -3.76 3.84 -8.51
C HIS A 37 -4.77 3.70 -7.37
N LEU A 38 -4.46 4.23 -6.19
CA LEU A 38 -5.45 4.26 -5.12
C LEU A 38 -6.68 5.05 -5.54
N LYS A 39 -6.47 6.22 -6.16
CA LYS A 39 -7.57 7.06 -6.59
C LYS A 39 -8.42 6.36 -7.65
N ASP A 40 -7.80 5.54 -8.50
CA ASP A 40 -8.45 4.87 -9.62
C ASP A 40 -9.01 3.51 -9.22
N GLY A 41 -8.75 3.04 -8.00
CA GLY A 41 -9.22 1.74 -7.61
C GLY A 41 -8.46 0.57 -8.22
N THR A 42 -7.19 0.78 -8.56
CA THR A 42 -6.36 -0.21 -9.22
C THR A 42 -5.09 -0.45 -8.42
N CYS A 43 -5.21 -0.47 -7.09
CA CYS A 43 -4.11 -0.72 -6.18
C CYS A 43 -4.39 -1.92 -5.31
N GLY A 44 -3.45 -2.88 -5.27
CA GLY A 44 -3.51 -4.03 -4.40
C GLY A 44 -2.49 -3.96 -3.26
N LEU A 45 -2.61 -4.92 -2.35
CA LEU A 45 -1.80 -4.95 -1.14
C LEU A 45 -1.23 -6.36 -1.02
N VAL A 46 0.08 -6.47 -0.82
CA VAL A 46 0.73 -7.75 -0.54
C VAL A 46 1.22 -7.72 0.89
N GLU A 47 0.79 -8.69 1.70
CA GLU A 47 1.23 -8.74 3.09
C GLU A 47 2.63 -9.32 3.14
N VAL A 48 3.48 -8.76 4.00
CA VAL A 48 4.89 -9.10 4.01
C VAL A 48 5.11 -10.34 4.87
N GLU A 49 5.77 -11.34 4.28
CA GLU A 49 6.25 -12.51 5.00
C GLU A 49 7.70 -12.70 4.55
N LYS A 50 8.38 -13.69 5.10
CA LYS A 50 9.71 -14.00 4.60
C LYS A 50 9.64 -14.33 3.12
N GLY A 51 10.56 -13.75 2.33
CA GLY A 51 10.66 -14.00 0.90
C GLY A 51 9.76 -13.14 0.03
N VAL A 52 8.92 -12.29 0.59
CA VAL A 52 8.01 -11.52 -0.24
C VAL A 52 8.72 -10.34 -0.86
N LEU A 53 9.40 -9.53 -0.06
CA LEU A 53 10.07 -8.36 -0.62
C LEU A 53 11.05 -8.69 -1.75
N PRO A 54 11.90 -9.70 -1.65
CA PRO A 54 12.82 -9.96 -2.77
C PRO A 54 12.12 -10.32 -4.05
N GLN A 55 10.83 -10.68 -3.98
CA GLN A 55 10.02 -11.04 -5.14
C GLN A 55 9.28 -9.84 -5.72
N LEU A 56 9.41 -8.67 -5.11
CA LEU A 56 8.78 -7.46 -5.62
C LEU A 56 9.88 -6.50 -6.05
N GLU A 57 9.49 -5.44 -6.74
CA GLU A 57 10.44 -4.49 -7.32
C GLU A 57 10.63 -3.25 -6.44
N GLN A 58 11.88 -2.91 -6.12
CA GLN A 58 12.17 -1.65 -5.47
C GLN A 58 12.17 -0.52 -6.49
N PRO A 59 11.91 0.72 -6.06
CA PRO A 59 11.50 1.16 -4.70
C PRO A 59 10.14 0.60 -4.26
N TYR A 60 10.00 0.22 -3.00
CA TYR A 60 8.74 -0.29 -2.46
C TYR A 60 7.90 0.85 -1.91
N VAL A 61 6.56 0.67 -1.97
CA VAL A 61 5.64 1.54 -1.24
C VAL A 61 4.96 0.72 -0.17
N PHE A 62 5.18 1.07 1.10
CA PHE A 62 4.48 0.42 2.19
C PHE A 62 3.31 1.27 2.66
N ILE A 63 2.26 0.59 3.15
CA ILE A 63 1.27 1.23 4.01
C ILE A 63 1.60 0.86 5.43
N LYS A 64 1.67 1.90 6.29
CA LYS A 64 2.04 1.76 7.69
C LYS A 64 0.95 2.37 8.55
N ARG A 65 0.69 1.75 9.71
N ARG A 65 0.68 1.74 9.70
CA ARG A 65 -0.34 2.26 10.60
CA ARG A 65 -0.36 2.26 10.58
C ARG A 65 0.07 3.60 11.19
C ARG A 65 0.08 3.62 11.13
N SER A 66 -0.80 4.62 11.04
CA SER A 66 -0.44 5.97 11.43
C SER A 66 -1.02 6.42 12.76
N ASP A 67 -1.99 5.70 13.32
CA ASP A 67 -2.69 6.14 14.52
C ASP A 67 -3.11 4.85 15.21
N ALA A 68 -3.11 4.85 16.55
CA ALA A 68 -3.50 3.66 17.30
C ALA A 68 -4.95 3.67 17.78
N ARG A 69 -5.63 4.83 17.72
CA ARG A 69 -6.94 4.93 18.33
C ARG A 69 -8.09 4.75 17.36
N THR A 70 -7.87 4.93 16.07
CA THR A 70 -8.96 5.14 15.15
C THR A 70 -8.97 4.02 14.11
N ALA A 71 -10.09 3.33 14.04
CA ALA A 71 -10.31 2.30 13.03
C ALA A 71 -11.80 2.17 12.83
N PRO A 72 -12.41 3.13 12.13
CA PRO A 72 -13.88 3.13 11.95
C PRO A 72 -14.26 2.05 10.97
N HIS A 73 -15.12 1.12 11.41
CA HIS A 73 -15.44 -0.09 10.65
C HIS A 73 -14.19 -0.84 10.20
N GLY A 74 -13.27 -1.07 11.13
CA GLY A 74 -12.07 -1.82 10.82
C GLY A 74 -11.16 -1.15 9.82
N HIS A 75 -11.47 0.09 9.44
CA HIS A 75 -10.57 0.84 8.56
C HIS A 75 -9.43 1.38 9.40
N VAL A 76 -8.34 0.61 9.44
CA VAL A 76 -7.14 1.02 10.15
CA VAL A 76 -7.15 1.02 10.15
C VAL A 76 -6.54 2.22 9.45
N MET A 77 -6.16 3.23 10.22
CA MET A 77 -5.60 4.43 9.64
C MET A 77 -4.15 4.22 9.23
N VAL A 78 -3.85 4.55 7.97
CA VAL A 78 -2.55 4.25 7.39
C VAL A 78 -2.03 5.44 6.60
N GLU A 79 -0.71 5.45 6.40
CA GLU A 79 -0.03 6.39 5.52
C GLU A 79 1.06 5.66 4.74
N LEU A 80 1.51 6.30 3.66
CA LEU A 80 2.44 5.69 2.71
C LEU A 80 3.86 6.06 3.08
N VAL A 81 4.77 5.08 3.02
CA VAL A 81 6.20 5.32 3.17
C VAL A 81 6.92 4.53 2.09
N ALA A 82 7.86 5.16 1.40
CA ALA A 82 8.58 4.51 0.30
C ALA A 82 9.96 4.10 0.78
N GLU A 83 10.53 3.08 0.12
CA GLU A 83 11.84 2.59 0.50
C GLU A 83 12.66 2.39 -0.76
N LEU A 84 13.89 2.91 -0.75
CA LEU A 84 14.80 2.66 -1.85
C LEU A 84 16.18 2.34 -1.29
N GLU A 85 16.73 1.20 -1.70
CA GLU A 85 18.07 0.77 -1.31
C GLU A 85 18.25 0.89 0.21
N GLY A 86 17.21 0.47 0.94
CA GLY A 86 17.28 0.38 2.37
C GLY A 86 17.03 1.65 3.12
N ILE A 87 16.68 2.75 2.46
CA ILE A 87 16.37 4.02 3.11
C ILE A 87 14.90 4.32 2.91
N GLN A 88 14.21 4.73 3.99
CA GLN A 88 12.78 5.00 3.99
C GLN A 88 12.56 6.50 4.08
N TYR A 89 11.72 7.01 3.22
CA TYR A 89 11.43 8.43 3.17
C TYR A 89 10.14 8.65 3.94
N GLY A 90 10.29 9.02 5.20
CA GLY A 90 9.21 9.08 6.14
C GLY A 90 9.39 8.08 7.26
N ARG A 91 8.58 8.26 8.30
CA ARG A 91 8.51 7.31 9.39
C ARG A 91 7.04 7.22 9.81
N SER A 92 6.61 6.02 10.15
CA SER A 92 5.23 5.81 10.60
C SER A 92 5.23 4.61 11.52
N GLY A 93 4.07 3.96 11.67
CA GLY A 93 3.91 2.79 12.54
C GLY A 93 4.13 1.46 11.82
N GLU A 94 3.48 0.42 12.35
CA GLU A 94 3.66 -0.95 11.89
C GLU A 94 3.33 -1.07 10.40
N THR A 95 4.14 -1.81 9.66
CA THR A 95 3.86 -2.05 8.26
C THR A 95 2.71 -3.03 8.10
N LEU A 96 1.70 -2.63 7.33
CA LEU A 96 0.59 -3.52 7.03
C LEU A 96 0.76 -4.27 5.73
N GLY A 97 1.59 -3.77 4.84
CA GLY A 97 1.89 -4.49 3.61
C GLY A 97 2.55 -3.58 2.60
N VAL A 98 2.75 -4.13 1.42
CA VAL A 98 3.36 -3.39 0.32
CA VAL A 98 3.36 -3.40 0.30
C VAL A 98 2.32 -3.23 -0.77
N LEU A 99 2.19 -2.02 -1.30
CA LEU A 99 1.22 -1.73 -2.35
C LEU A 99 1.80 -2.10 -3.70
N VAL A 100 0.94 -2.59 -4.60
CA VAL A 100 1.34 -2.89 -5.97
C VAL A 100 0.18 -2.52 -6.88
N PRO A 101 0.44 -2.34 -8.17
CA PRO A 101 -0.67 -2.18 -9.10
C PRO A 101 -1.54 -3.42 -9.08
N HIS A 102 -2.84 -3.21 -9.29
CA HIS A 102 -3.77 -4.31 -9.44
C HIS A 102 -4.33 -4.28 -10.85
N VAL A 103 -4.14 -5.38 -11.59
CA VAL A 103 -4.55 -5.43 -12.99
C VAL A 103 -5.53 -6.57 -13.23
N GLY A 104 -6.33 -6.87 -12.22
CA GLY A 104 -7.35 -7.88 -12.33
C GLY A 104 -7.03 -9.23 -11.71
N GLU A 105 -5.92 -9.36 -10.99
CA GLU A 105 -5.65 -10.62 -10.31
C GLU A 105 -6.71 -10.87 -9.24
N ILE A 106 -6.99 -12.14 -8.99
CA ILE A 106 -7.99 -12.48 -7.98
C ILE A 106 -7.35 -12.36 -6.61
N PRO A 107 -7.92 -11.58 -5.70
CA PRO A 107 -7.36 -11.46 -4.35
C PRO A 107 -7.76 -12.62 -3.46
N VAL A 108 -7.11 -12.66 -2.29
CA VAL A 108 -7.43 -13.63 -1.25
C VAL A 108 -8.22 -13.04 -0.11
N ALA A 109 -8.38 -11.72 -0.09
CA ALA A 109 -9.08 -11.00 0.98
C ALA A 109 -9.12 -9.55 0.56
N TYR A 110 -9.82 -8.75 1.35
CA TYR A 110 -9.83 -7.31 1.20
C TYR A 110 -9.44 -6.72 2.54
N ARG A 111 -8.60 -5.69 2.51
CA ARG A 111 -8.11 -5.02 3.72
CA ARG A 111 -8.11 -5.02 3.72
C ARG A 111 -8.67 -3.61 3.77
N LYS A 112 -9.37 -3.27 4.85
CA LYS A 112 -10.01 -1.98 4.95
C LYS A 112 -9.04 -1.00 5.60
N VAL A 113 -8.86 0.17 4.96
CA VAL A 113 -7.92 1.15 5.48
C VAL A 113 -8.56 2.54 5.39
N LEU A 114 -8.11 3.40 6.25
CA LEU A 114 -8.46 4.82 6.21
C LEU A 114 -7.15 5.51 5.86
N LEU A 115 -7.05 5.92 4.59
CA LEU A 115 -5.77 6.26 4.01
C LEU A 115 -5.54 7.75 4.13
N ARG A 116 -4.37 8.14 4.63
CA ARG A 116 -3.98 9.56 4.59
C ARG A 116 -3.48 9.82 3.16
N LYS A 117 -4.17 10.66 2.41
CA LYS A 117 -3.86 10.82 0.97
C LYS A 117 -2.44 11.36 0.81
N ASN A 118 -2.08 12.39 1.57
CA ASN A 118 -0.68 12.91 1.54
C ASN A 118 -0.05 12.68 2.90
C1 A1H0G B . -9.28 8.77 -3.55
C2 A1H0G B . -8.47 9.90 -3.73
C3 A1H0G B . -7.11 9.78 -3.49
C4 A1H0G B . -6.07 10.79 -3.60
C5 A1H0G B . -4.83 10.36 -3.29
C6 A1H0G B . -6.57 8.56 -3.09
C7 A1H0G B . -7.36 7.43 -2.93
C8 A1H0G B . -8.71 7.54 -3.17
N1 A1H0G B . -10.63 8.83 -3.77
S1 A1H0G B . -4.84 8.67 -2.87
#